data_3CTZ
#
_entry.id   3CTZ
#
_cell.length_a   71.444
_cell.length_b   131.429
_cell.length_c   169.076
_cell.angle_alpha   90.00
_cell.angle_beta   90.00
_cell.angle_gamma   90.00
#
_symmetry.space_group_name_H-M   'C 2 2 21'
#
loop_
_entity.id
_entity.type
_entity.pdbx_description
1 polymer 'Xaa-Pro aminopeptidase 1'
2 non-polymer 'MANGANESE (II) ION'
3 non-polymer 'CALCIUM ION'
4 non-polymer 'SODIUM ION'
5 non-polymer 'HEXAETHYLENE GLYCOL'
6 water water
#
_entity_poly.entity_id   1
_entity_poly.type   'polypeptide(L)'
_entity_poly.pdbx_seq_one_letter_code
;MPPKVTSELLRQLRQAMRNSEYVTEPIQAYIIPSGDAHQSEYIAPCDCRRAFVSGFDGSAGTAIITEEHAAMWTDGRYFL
QAAKQMDSNWTLMKMGLKDTPTQEDWLVSVLPEGSRVGVDPLIIPTDYWKKMAKVLRSAGHHLIPVKENLVDKIWTDRPE
RPCKPLLTLGLDYTGISWKDKVADLRLKMAERNVMWFVVTALDEIAWLFNLRGSDVEHNPVFFSYAIIGLETIMLFIDGD
RIDAPSVKEHLLLDLGLEAEYRIQVHPYKSILSELKALCADLSPREKVWVSDKASYAVSETIPKDHRCCMPYTPICIAKA
VKNSAESEGMRRAHIKDAVALCELFNWLEKEVPKGGVTEISAADKAEEFRRQQADFVDLSFPTISSTGPTGAIIHYAPVP
ETNRTLSLDEVYLIDSGAQYKDGTTDVTRTMHFETPTAYEKECFTYVLKGHIAVSAAVFPTGTKGHLLDSFARSALWDSG
LDYLHGTGHGVGSFLNVHEGPCGISYKTFSDEPLEAGMIVTDEPGYYEDGAFGIRIENVVLVVPVKTKYNFNNRGSLTLE
PLTLVPIQTKMIDVDSLTDKECDWLNNYHLTCRDVIGKELQKQGRQEALEWLIRETQPISKQH
;
_entity_poly.pdbx_strand_id   A
#
# COMPACT_ATOMS: atom_id res chain seq x y z
N PRO A 3 -18.00 -24.08 -8.22
CA PRO A 3 -18.30 -22.79 -7.60
C PRO A 3 -19.03 -22.93 -6.25
N LYS A 4 -18.94 -21.91 -5.39
CA LYS A 4 -19.72 -21.90 -4.16
C LYS A 4 -21.21 -21.83 -4.51
N VAL A 5 -22.03 -22.62 -3.82
CA VAL A 5 -23.48 -22.53 -3.99
C VAL A 5 -24.00 -21.34 -3.18
N THR A 6 -24.48 -20.33 -3.89
CA THR A 6 -24.94 -19.10 -3.23
C THR A 6 -26.44 -18.85 -3.41
N SER A 7 -27.17 -19.86 -3.89
CA SER A 7 -28.61 -19.70 -4.12
C SER A 7 -29.38 -19.32 -2.85
N GLU A 8 -29.09 -20.00 -1.73
CA GLU A 8 -29.76 -19.70 -0.47
C GLU A 8 -29.27 -18.38 0.14
N LEU A 9 -27.96 -18.12 0.03
CA LEU A 9 -27.46 -16.82 0.52
C LEU A 9 -28.17 -15.68 -0.19
N LEU A 10 -28.30 -15.78 -1.51
CA LEU A 10 -28.99 -14.75 -2.30
C LEU A 10 -30.45 -14.60 -1.91
N ARG A 11 -31.12 -15.72 -1.63
CA ARG A 11 -32.50 -15.68 -1.19
C ARG A 11 -32.61 -14.89 0.11
N GLN A 12 -31.72 -15.18 1.05
CA GLN A 12 -31.70 -14.50 2.34
C GLN A 12 -31.34 -13.01 2.21
N LEU A 13 -30.42 -12.70 1.30
CA LEU A 13 -30.04 -11.30 1.10
C LEU A 13 -31.20 -10.52 0.48
N ARG A 14 -31.86 -11.12 -0.51
CA ARG A 14 -33.04 -10.51 -1.12
C ARG A 14 -34.16 -10.23 -0.11
N GLN A 15 -34.31 -11.13 0.86
CA GLN A 15 -35.28 -10.95 1.92
C GLN A 15 -34.85 -9.84 2.86
N ALA A 16 -33.56 -9.80 3.22
CA ALA A 16 -33.04 -8.73 4.06
C ALA A 16 -33.25 -7.35 3.44
N MET A 17 -33.17 -7.28 2.10
CA MET A 17 -33.38 -6.03 1.34
C MET A 17 -34.79 -5.45 1.49
N ARG A 18 -35.70 -6.27 2.04
CA ARG A 18 -37.10 -5.87 2.23
C ARG A 18 -37.53 -5.82 3.72
N ASN A 19 -36.63 -6.21 4.62
CA ASN A 19 -36.91 -6.24 6.08
C ASN A 19 -37.00 -4.84 6.70
N SER A 20 -38.16 -4.55 7.31
CA SER A 20 -38.43 -3.22 7.92
C SER A 20 -37.46 -2.81 9.02
N GLU A 21 -36.84 -3.79 9.68
CA GLU A 21 -35.81 -3.55 10.69
C GLU A 21 -34.57 -2.86 10.11
N TYR A 22 -34.33 -3.04 8.81
CA TYR A 22 -33.11 -2.51 8.18
C TYR A 22 -33.38 -1.37 7.22
N VAL A 23 -34.51 -1.43 6.54
CA VAL A 23 -34.89 -0.43 5.57
C VAL A 23 -36.31 0.03 5.86
N THR A 24 -36.53 1.34 5.75
CA THR A 24 -37.85 1.92 6.01
C THR A 24 -38.83 1.43 4.96
N GLU A 25 -38.36 1.38 3.72
CA GLU A 25 -39.07 0.72 2.62
C GLU A 25 -38.11 -0.24 1.94
N PRO A 26 -38.64 -1.28 1.27
CA PRO A 26 -37.78 -2.17 0.50
C PRO A 26 -36.87 -1.45 -0.49
N ILE A 27 -35.68 -2.04 -0.71
CA ILE A 27 -34.79 -1.59 -1.77
C ILE A 27 -34.80 -2.62 -2.88
N GLN A 28 -34.61 -2.17 -4.12
CA GLN A 28 -34.70 -3.05 -5.30
C GLN A 28 -33.30 -3.55 -5.72
N ALA A 29 -32.25 -2.96 -5.15
CA ALA A 29 -30.89 -3.37 -5.44
C ALA A 29 -30.01 -3.07 -4.25
N TYR A 30 -28.94 -3.83 -4.11
CA TYR A 30 -27.98 -3.62 -3.01
C TYR A 30 -26.54 -3.81 -3.49
N ILE A 31 -25.68 -2.85 -3.13
CA ILE A 31 -24.29 -2.85 -3.59
C ILE A 31 -23.37 -3.38 -2.50
N ILE A 32 -22.52 -4.33 -2.88
CA ILE A 32 -21.58 -4.96 -1.96
C ILE A 32 -20.16 -4.77 -2.50
N PRO A 33 -19.48 -3.69 -2.06
CA PRO A 33 -18.11 -3.44 -2.54
C PRO A 33 -17.03 -4.28 -1.84
N SER A 34 -15.79 -4.17 -2.33
CA SER A 34 -14.67 -4.89 -1.74
C SER A 34 -14.16 -4.25 -0.46
N GLY A 35 -14.28 -2.93 -0.39
CA GLY A 35 -13.56 -2.17 0.63
C GLY A 35 -14.11 -2.20 2.04
N ASP A 36 -13.31 -1.72 2.99
CA ASP A 36 -13.74 -1.64 4.38
C ASP A 36 -13.93 -0.19 4.81
N ALA A 37 -14.11 0.01 6.11
CA ALA A 37 -14.49 1.32 6.60
C ALA A 37 -13.36 2.34 6.53
N HIS A 38 -12.12 1.86 6.35
CA HIS A 38 -10.95 2.76 6.40
C HIS A 38 -10.20 2.83 5.09
N GLN A 39 -10.80 2.26 4.05
CA GLN A 39 -10.18 2.26 2.73
C GLN A 39 -8.85 1.48 2.83
N SER A 40 -8.86 0.39 3.61
CA SER A 40 -7.68 -0.45 3.84
C SER A 40 -7.22 -1.13 2.57
N GLU A 41 -5.92 -1.43 2.53
CA GLU A 41 -5.30 -2.08 1.38
C GLU A 41 -5.55 -3.59 1.40
N TYR A 42 -5.60 -4.16 2.60
CA TYR A 42 -5.79 -5.59 2.79
C TYR A 42 -7.00 -5.75 3.71
N ILE A 43 -8.06 -6.33 3.17
CA ILE A 43 -9.35 -6.40 3.86
C ILE A 43 -9.38 -7.56 4.86
N ALA A 44 -9.80 -7.28 6.08
CA ALA A 44 -9.90 -8.32 7.11
C ALA A 44 -10.96 -9.33 6.71
N PRO A 45 -10.77 -10.61 7.12
CA PRO A 45 -11.78 -11.64 6.79
C PRO A 45 -13.22 -11.23 7.09
N CYS A 46 -13.46 -10.58 8.22
CA CYS A 46 -14.82 -10.15 8.59
C CYS A 46 -15.43 -9.16 7.60
N ASP A 47 -14.59 -8.49 6.80
CA ASP A 47 -15.09 -7.49 5.86
C ASP A 47 -15.14 -8.00 4.41
N CYS A 48 -14.83 -9.28 4.21
CA CYS A 48 -14.86 -9.89 2.88
C CYS A 48 -16.27 -10.35 2.51
N ARG A 49 -17.17 -9.37 2.53
CA ARG A 49 -18.59 -9.59 2.29
C ARG A 49 -18.91 -9.98 0.87
N ARG A 50 -18.21 -9.36 -0.08
CA ARG A 50 -18.39 -9.64 -1.50
C ARG A 50 -18.01 -11.09 -1.78
N ALA A 51 -16.92 -11.56 -1.16
CA ALA A 51 -16.51 -12.98 -1.31
C ALA A 51 -17.53 -13.92 -0.68
N PHE A 52 -18.07 -13.51 0.47
CA PHE A 52 -19.02 -14.35 1.16
C PHE A 52 -20.27 -14.61 0.30
N VAL A 53 -20.83 -13.56 -0.30
CA VAL A 53 -22.11 -13.72 -1.01
C VAL A 53 -21.97 -14.38 -2.37
N SER A 54 -20.75 -14.36 -2.93
CA SER A 54 -20.54 -14.77 -4.34
C SER A 54 -19.70 -16.02 -4.52
N GLY A 55 -18.77 -16.26 -3.59
CA GLY A 55 -17.77 -17.33 -3.73
C GLY A 55 -16.48 -16.83 -4.36
N PHE A 56 -16.52 -15.66 -4.98
CA PHE A 56 -15.35 -15.07 -5.63
C PHE A 56 -14.52 -14.29 -4.62
N ASP A 57 -13.29 -14.75 -4.40
CA ASP A 57 -12.47 -14.22 -3.29
C ASP A 57 -11.16 -13.55 -3.72
N GLY A 58 -11.12 -13.06 -4.95
CA GLY A 58 -10.02 -12.21 -5.44
C GLY A 58 -9.99 -10.90 -4.67
N SER A 59 -8.92 -10.13 -4.87
CA SER A 59 -8.73 -8.90 -4.09
C SER A 59 -9.60 -7.74 -4.54
N ALA A 60 -10.17 -7.82 -5.74
CA ALA A 60 -10.98 -6.71 -6.25
C ALA A 60 -12.28 -7.23 -6.85
N GLY A 61 -13.37 -6.50 -6.60
CA GLY A 61 -14.66 -6.82 -7.22
C GLY A 61 -15.81 -6.18 -6.49
N THR A 62 -16.84 -5.77 -7.25
CA THR A 62 -18.05 -5.19 -6.66
C THR A 62 -19.25 -6.00 -7.09
N ALA A 63 -20.03 -6.45 -6.10
CA ALA A 63 -21.27 -7.20 -6.39
C ALA A 63 -22.46 -6.27 -6.28
N ILE A 64 -23.42 -6.46 -7.18
CA ILE A 64 -24.71 -5.78 -7.06
C ILE A 64 -25.82 -6.81 -7.19
N ILE A 65 -26.68 -6.84 -6.19
CA ILE A 65 -27.79 -7.80 -6.13
C ILE A 65 -29.09 -7.08 -6.36
N THR A 66 -29.88 -7.61 -7.28
CA THR A 66 -31.20 -7.10 -7.50
C THR A 66 -32.17 -8.26 -7.28
N GLU A 67 -33.46 -7.95 -7.38
CA GLU A 67 -34.50 -8.94 -7.21
C GLU A 67 -34.29 -10.09 -8.20
N GLU A 68 -33.80 -9.74 -9.40
CA GLU A 68 -33.71 -10.71 -10.48
C GLU A 68 -32.29 -11.17 -10.84
N HIS A 69 -31.28 -10.39 -10.44
CA HIS A 69 -29.92 -10.58 -10.94
C HIS A 69 -28.90 -10.52 -9.81
N ALA A 70 -27.74 -11.12 -10.03
CA ALA A 70 -26.59 -10.90 -9.15
C ALA A 70 -25.40 -10.69 -10.06
N ALA A 71 -24.85 -9.49 -10.05
CA ALA A 71 -23.80 -9.11 -11.01
C ALA A 71 -22.50 -8.81 -10.28
N MET A 72 -21.39 -9.21 -10.88
CA MET A 72 -20.07 -8.99 -10.29
C MET A 72 -19.15 -8.27 -11.26
N TRP A 73 -18.71 -7.06 -10.90
CA TRP A 73 -17.65 -6.33 -11.64
C TRP A 73 -16.28 -6.68 -11.09
N THR A 74 -15.37 -7.14 -11.95
CA THR A 74 -13.96 -7.31 -11.55
C THR A 74 -13.06 -7.06 -12.75
N ASP A 75 -11.76 -6.96 -12.49
CA ASP A 75 -10.80 -6.58 -13.53
C ASP A 75 -10.11 -7.81 -14.14
N GLY A 76 -9.23 -7.54 -15.10
CA GLY A 76 -8.57 -8.58 -15.91
C GLY A 76 -7.86 -9.69 -15.16
N ARG A 77 -7.29 -9.36 -14.00
CA ARG A 77 -6.63 -10.38 -13.18
C ARG A 77 -7.55 -11.53 -12.81
N TYR A 78 -8.86 -11.27 -12.85
CA TYR A 78 -9.82 -12.16 -12.20
C TYR A 78 -10.97 -12.68 -13.07
N PHE A 79 -10.96 -12.39 -14.37
CA PHE A 79 -12.03 -12.87 -15.25
C PHE A 79 -12.24 -14.37 -15.11
N LEU A 80 -11.14 -15.13 -15.19
CA LEU A 80 -11.20 -16.58 -15.06
C LEU A 80 -11.57 -17.04 -13.65
N GLN A 81 -10.95 -16.41 -12.64
CA GLN A 81 -11.17 -16.82 -11.25
C GLN A 81 -12.64 -16.64 -10.86
N ALA A 82 -13.20 -15.49 -11.22
CA ALA A 82 -14.59 -15.12 -10.87
C ALA A 82 -15.57 -16.10 -11.52
N ALA A 83 -15.40 -16.33 -12.82
CA ALA A 83 -16.28 -17.27 -13.53
C ALA A 83 -16.28 -18.65 -12.88
N LYS A 84 -15.11 -19.14 -12.46
CA LYS A 84 -15.01 -20.46 -11.85
C LYS A 84 -15.61 -20.53 -10.45
N GLN A 85 -15.41 -19.46 -9.67
CA GLN A 85 -15.81 -19.45 -8.27
C GLN A 85 -17.29 -19.15 -8.03
N MET A 86 -17.90 -18.41 -8.96
CA MET A 86 -19.33 -18.06 -8.84
C MET A 86 -20.21 -19.07 -9.56
N ASP A 87 -21.37 -19.35 -8.97
CA ASP A 87 -22.33 -20.28 -9.58
C ASP A 87 -23.22 -19.60 -10.63
N SER A 88 -24.26 -20.31 -11.10
CA SER A 88 -25.03 -19.83 -12.25
C SER A 88 -25.96 -18.67 -11.90
N ASN A 89 -26.03 -18.31 -10.61
CA ASN A 89 -26.81 -17.16 -10.15
C ASN A 89 -26.19 -15.85 -10.58
N TRP A 90 -24.89 -15.92 -10.88
CA TRP A 90 -24.07 -14.75 -11.08
C TRP A 90 -23.76 -14.40 -12.53
N THR A 91 -23.74 -13.10 -12.79
CA THR A 91 -23.40 -12.54 -14.11
C THR A 91 -22.08 -11.77 -14.01
N LEU A 92 -21.09 -12.21 -14.79
CA LEU A 92 -19.76 -11.61 -14.76
C LEU A 92 -19.72 -10.35 -15.60
N MET A 93 -19.27 -9.25 -14.99
CA MET A 93 -19.10 -7.99 -15.69
C MET A 93 -17.61 -7.70 -15.80
N LYS A 94 -17.07 -7.90 -17.01
CA LYS A 94 -15.63 -7.81 -17.24
C LYS A 94 -15.17 -6.36 -17.45
N MET A 95 -14.65 -5.75 -16.38
CA MET A 95 -14.19 -4.36 -16.42
C MET A 95 -13.06 -4.19 -17.43
N GLY A 96 -13.10 -3.07 -18.15
CA GLY A 96 -12.10 -2.73 -19.17
C GLY A 96 -12.59 -2.98 -20.57
N LEU A 97 -13.40 -4.03 -20.73
CA LEU A 97 -13.97 -4.41 -22.02
C LEU A 97 -14.99 -3.39 -22.54
N LYS A 98 -15.16 -3.37 -23.85
CA LYS A 98 -15.90 -2.32 -24.55
C LYS A 98 -17.41 -2.35 -24.29
N ASP A 99 -18.00 -3.54 -24.29
CA ASP A 99 -19.44 -3.69 -24.14
C ASP A 99 -19.91 -3.92 -22.70
N THR A 100 -18.98 -3.95 -21.75
CA THR A 100 -19.30 -4.09 -20.34
C THR A 100 -19.93 -2.80 -19.82
N PRO A 101 -21.18 -2.88 -19.33
CA PRO A 101 -21.82 -1.66 -18.83
C PRO A 101 -21.20 -1.23 -17.51
N THR A 102 -21.33 0.05 -17.18
CA THR A 102 -20.91 0.53 -15.87
C THR A 102 -21.94 0.03 -14.86
N GLN A 103 -21.59 0.11 -13.57
CA GLN A 103 -22.52 -0.27 -12.51
C GLN A 103 -23.82 0.53 -12.59
N GLU A 104 -23.69 1.85 -12.76
CA GLU A 104 -24.86 2.73 -12.68
C GLU A 104 -25.78 2.60 -13.90
N ASP A 105 -25.19 2.38 -15.07
CA ASP A 105 -25.98 2.21 -16.27
C ASP A 105 -26.61 0.82 -16.34
N TRP A 106 -25.91 -0.19 -15.82
CA TRP A 106 -26.52 -1.52 -15.66
C TRP A 106 -27.76 -1.43 -14.76
N LEU A 107 -27.62 -0.77 -13.62
CA LEU A 107 -28.74 -0.57 -12.73
C LEU A 107 -29.95 0.07 -13.40
N VAL A 108 -29.76 1.17 -14.13
CA VAL A 108 -30.89 1.82 -14.80
C VAL A 108 -31.59 0.87 -15.79
N SER A 109 -30.81 0.00 -16.44
CA SER A 109 -31.32 -0.94 -17.41
C SER A 109 -32.10 -2.12 -16.82
N VAL A 110 -31.85 -2.45 -15.56
CA VAL A 110 -32.53 -3.61 -14.92
C VAL A 110 -33.55 -3.22 -13.85
N LEU A 111 -33.54 -1.97 -13.42
CA LEU A 111 -34.43 -1.55 -12.33
C LEU A 111 -35.82 -1.18 -12.81
N PRO A 112 -36.85 -1.53 -12.01
CA PRO A 112 -38.21 -1.03 -12.27
C PRO A 112 -38.28 0.47 -11.96
N GLU A 113 -39.39 1.10 -12.34
CA GLU A 113 -39.59 2.54 -12.12
C GLU A 113 -39.54 2.93 -10.65
N GLY A 114 -38.80 4.02 -10.37
CA GLY A 114 -38.76 4.63 -9.04
C GLY A 114 -38.16 3.73 -7.97
N SER A 115 -37.04 3.10 -8.30
CA SER A 115 -36.39 2.11 -7.42
C SER A 115 -35.44 2.76 -6.42
N ARG A 116 -35.24 2.07 -5.30
CA ARG A 116 -34.24 2.45 -4.30
C ARG A 116 -33.09 1.46 -4.39
N VAL A 117 -31.88 1.99 -4.36
CA VAL A 117 -30.65 1.20 -4.39
C VAL A 117 -29.92 1.47 -3.08
N GLY A 118 -29.59 0.40 -2.35
CA GLY A 118 -28.94 0.55 -1.04
C GLY A 118 -27.47 0.17 -1.05
N VAL A 119 -26.73 0.73 -0.10
CA VAL A 119 -25.33 0.42 0.11
C VAL A 119 -24.99 0.80 1.54
N ASP A 120 -24.05 0.11 2.14
CA ASP A 120 -23.53 0.45 3.48
C ASP A 120 -22.66 1.71 3.35
N PRO A 121 -23.06 2.83 3.99
CA PRO A 121 -22.34 4.11 3.80
C PRO A 121 -20.95 4.14 4.42
N LEU A 122 -20.66 3.23 5.34
CA LEU A 122 -19.33 3.19 5.96
C LEU A 122 -18.20 2.73 5.06
N ILE A 123 -18.55 2.08 3.94
CA ILE A 123 -17.55 1.40 3.13
C ILE A 123 -17.41 1.93 1.71
N ILE A 124 -18.05 3.07 1.41
CA ILE A 124 -17.81 3.77 0.14
C ILE A 124 -17.44 5.23 0.39
N PRO A 125 -16.54 5.80 -0.44
CA PRO A 125 -16.28 7.25 -0.38
C PRO A 125 -17.36 8.09 -1.08
N THR A 126 -17.37 9.40 -0.79
CA THR A 126 -18.34 10.36 -1.38
C THR A 126 -18.25 10.43 -2.90
N ASP A 127 -17.01 10.29 -3.38
CA ASP A 127 -16.68 10.20 -4.79
C ASP A 127 -17.64 9.21 -5.46
N TYR A 128 -17.60 7.97 -4.99
CA TYR A 128 -18.43 6.90 -5.52
C TYR A 128 -19.92 7.17 -5.29
N TRP A 129 -20.28 7.62 -4.09
CA TRP A 129 -21.66 7.97 -3.79
C TRP A 129 -22.23 8.97 -4.82
N LYS A 130 -21.48 10.05 -5.08
CA LYS A 130 -21.93 11.14 -5.96
C LYS A 130 -22.19 10.70 -7.40
N LYS A 131 -21.22 9.96 -7.94
CA LYS A 131 -21.29 9.42 -9.30
C LYS A 131 -22.51 8.51 -9.47
N MET A 132 -22.70 7.60 -8.51
N MET A 132 -22.71 7.62 -8.51
CA MET A 132 -23.81 6.67 -8.52
CA MET A 132 -23.83 6.68 -8.54
C MET A 132 -25.16 7.38 -8.32
C MET A 132 -25.16 7.38 -8.33
N ALA A 133 -25.22 8.21 -7.28
CA ALA A 133 -26.45 8.95 -6.94
C ALA A 133 -26.97 9.79 -8.10
N LYS A 134 -26.08 10.51 -8.77
CA LYS A 134 -26.41 11.35 -9.92
C LYS A 134 -27.16 10.60 -11.01
N VAL A 135 -26.52 9.55 -11.55
CA VAL A 135 -27.08 8.76 -12.64
C VAL A 135 -28.42 8.12 -12.26
N LEU A 136 -28.50 7.60 -11.04
CA LEU A 136 -29.73 6.97 -10.54
C LEU A 136 -30.87 7.99 -10.41
N ARG A 137 -30.55 9.17 -9.89
CA ARG A 137 -31.53 10.25 -9.73
C ARG A 137 -32.11 10.68 -11.08
N SER A 138 -31.25 10.79 -12.09
CA SER A 138 -31.66 11.09 -13.48
C SER A 138 -32.73 10.13 -14.01
N ALA A 139 -32.59 8.84 -13.69
CA ALA A 139 -33.52 7.80 -14.15
C ALA A 139 -34.71 7.59 -13.22
N GLY A 140 -34.84 8.45 -12.21
CA GLY A 140 -35.99 8.39 -11.31
C GLY A 140 -35.77 7.53 -10.09
N HIS A 141 -34.52 7.11 -9.87
CA HIS A 141 -34.18 6.23 -8.74
C HIS A 141 -33.47 6.97 -7.62
N HIS A 142 -33.33 6.32 -6.47
CA HIS A 142 -32.68 6.93 -5.31
C HIS A 142 -31.64 6.01 -4.71
N LEU A 143 -30.46 6.57 -4.42
CA LEU A 143 -29.43 5.85 -3.68
C LEU A 143 -29.61 6.12 -2.18
N ILE A 144 -29.71 5.02 -1.42
CA ILE A 144 -30.11 5.02 -0.03
C ILE A 144 -28.94 4.49 0.80
N PRO A 145 -28.52 5.24 1.83
CA PRO A 145 -27.55 4.68 2.76
C PRO A 145 -28.30 3.77 3.73
N VAL A 146 -27.90 2.50 3.75
CA VAL A 146 -28.49 1.53 4.65
C VAL A 146 -27.49 1.25 5.76
N LYS A 147 -27.78 1.75 6.96
CA LYS A 147 -26.86 1.70 8.09
C LYS A 147 -26.49 0.29 8.53
N GLU A 148 -27.47 -0.62 8.62
CA GLU A 148 -27.19 -2.01 8.99
C GLU A 148 -26.68 -2.75 7.77
N ASN A 149 -25.46 -3.29 7.85
CA ASN A 149 -24.91 -4.02 6.72
C ASN A 149 -25.70 -5.30 6.50
N LEU A 150 -26.21 -5.49 5.29
CA LEU A 150 -27.16 -6.58 5.06
C LEU A 150 -26.49 -7.94 4.94
N VAL A 151 -25.25 -7.95 4.45
CA VAL A 151 -24.49 -9.20 4.37
C VAL A 151 -24.22 -9.72 5.79
N ASP A 152 -23.87 -8.81 6.70
CA ASP A 152 -23.58 -9.24 8.06
C ASP A 152 -24.80 -9.89 8.69
N LYS A 153 -25.98 -9.42 8.31
CA LYS A 153 -27.23 -9.94 8.87
C LYS A 153 -27.47 -11.41 8.52
N ILE A 154 -26.96 -11.85 7.38
CA ILE A 154 -27.12 -13.22 6.93
C ILE A 154 -25.88 -14.09 7.12
N TRP A 155 -24.79 -13.50 7.61
CA TRP A 155 -23.51 -14.17 7.67
C TRP A 155 -23.31 -14.77 9.04
N THR A 156 -23.91 -15.94 9.24
CA THR A 156 -23.97 -16.58 10.56
C THR A 156 -22.62 -16.77 11.24
N ASP A 157 -21.64 -17.25 10.47
N ASP A 157 -21.63 -17.23 10.49
CA ASP A 157 -20.32 -17.57 11.00
CA ASP A 157 -20.34 -17.57 11.11
C ASP A 157 -19.29 -16.54 10.55
C ASP A 157 -19.27 -16.48 10.90
N ARG A 158 -19.69 -15.28 10.55
CA ARG A 158 -18.78 -14.17 10.26
C ARG A 158 -17.68 -14.15 11.31
N PRO A 159 -16.40 -14.10 10.87
CA PRO A 159 -15.30 -13.97 11.83
C PRO A 159 -15.32 -12.64 12.59
N GLU A 160 -14.83 -12.65 13.82
CA GLU A 160 -14.70 -11.42 14.60
C GLU A 160 -13.67 -10.51 13.95
N ARG A 161 -13.80 -9.21 14.19
CA ARG A 161 -12.83 -8.25 13.70
C ARG A 161 -11.52 -8.53 14.43
N PRO A 162 -10.39 -8.58 13.68
CA PRO A 162 -9.12 -8.75 14.36
C PRO A 162 -8.91 -7.64 15.41
N CYS A 163 -8.40 -8.01 16.57
CA CYS A 163 -8.17 -7.07 17.65
C CYS A 163 -6.92 -7.54 18.37
N LYS A 164 -5.79 -7.25 17.71
CA LYS A 164 -4.48 -7.77 18.12
C LYS A 164 -3.74 -6.74 18.98
N PRO A 165 -2.65 -7.16 19.67
CA PRO A 165 -1.92 -6.24 20.54
C PRO A 165 -1.44 -4.96 19.86
N LEU A 166 -1.26 -3.93 20.67
CA LEU A 166 -0.66 -2.69 20.22
C LEU A 166 0.82 -2.72 20.57
N LEU A 167 1.61 -1.98 19.81
CA LEU A 167 3.05 -1.87 20.07
C LEU A 167 3.34 -0.37 20.22
N THR A 168 4.20 0.00 21.16
CA THR A 168 4.58 1.40 21.31
C THR A 168 5.94 1.63 20.66
N LEU A 169 6.16 2.83 20.09
CA LEU A 169 7.45 3.18 19.53
C LEU A 169 7.98 4.38 20.26
N GLY A 170 9.18 4.25 20.81
CA GLY A 170 9.85 5.33 21.55
C GLY A 170 10.55 6.36 20.67
N LEU A 171 11.09 7.39 21.29
CA LEU A 171 11.69 8.49 20.56
C LEU A 171 12.88 8.11 19.68
N ASP A 172 13.62 7.08 20.10
N ASP A 172 13.62 7.07 20.07
CA ASP A 172 14.73 6.58 19.31
CA ASP A 172 14.75 6.65 19.26
C ASP A 172 14.25 6.18 17.91
C ASP A 172 14.32 5.95 17.96
N TYR A 173 13.02 5.68 17.84
CA TYR A 173 12.43 5.21 16.57
C TYR A 173 11.66 6.29 15.81
N THR A 174 11.01 7.18 16.55
CA THR A 174 10.06 8.12 15.94
C THR A 174 10.59 9.53 15.76
N GLY A 175 11.60 9.89 16.56
CA GLY A 175 12.19 11.24 16.49
C GLY A 175 11.41 12.35 17.17
N ILE A 176 10.11 12.15 17.39
CA ILE A 176 9.24 13.20 17.93
C ILE A 176 8.04 12.55 18.61
N SER A 177 7.66 13.09 19.76
CA SER A 177 6.59 12.51 20.58
C SER A 177 5.21 12.70 19.97
N TRP A 178 4.24 11.91 20.43
CA TRP A 178 2.89 12.13 19.96
C TRP A 178 2.36 13.48 20.44
N LYS A 179 2.75 13.91 21.65
CA LYS A 179 2.30 15.22 22.14
C LYS A 179 2.75 16.31 21.17
N ASP A 180 3.99 16.21 20.69
CA ASP A 180 4.52 17.21 19.75
C ASP A 180 3.83 17.12 18.40
N LYS A 181 3.51 15.90 17.96
CA LYS A 181 2.77 15.76 16.70
C LYS A 181 1.39 16.39 16.81
N VAL A 182 0.71 16.17 17.93
CA VAL A 182 -0.62 16.73 18.13
C VAL A 182 -0.54 18.26 18.20
N ALA A 183 0.48 18.77 18.89
CA ALA A 183 0.69 20.22 18.97
C ALA A 183 0.87 20.81 17.57
N ASP A 184 1.73 20.17 16.77
CA ASP A 184 1.99 20.62 15.39
C ASP A 184 0.70 20.62 14.56
N LEU A 185 -0.08 19.55 14.69
CA LEU A 185 -1.35 19.44 14.00
C LEU A 185 -2.32 20.55 14.40
N ARG A 186 -2.35 20.88 15.69
CA ARG A 186 -3.24 21.93 16.19
C ARG A 186 -2.86 23.31 15.68
N LEU A 187 -1.56 23.56 15.53
CA LEU A 187 -1.11 24.84 14.94
C LEU A 187 -1.68 24.95 13.52
N LYS A 188 -1.64 23.86 12.77
CA LYS A 188 -2.23 23.85 11.43
C LYS A 188 -3.75 24.02 11.41
N MET A 189 -4.44 23.42 12.38
CA MET A 189 -5.88 23.58 12.53
C MET A 189 -6.26 25.04 12.81
N ALA A 190 -5.56 25.65 13.77
CA ALA A 190 -5.84 27.03 14.17
C ALA A 190 -5.69 28.01 13.00
N GLU A 191 -4.62 27.83 12.21
CA GLU A 191 -4.38 28.71 11.07
C GLU A 191 -5.40 28.54 9.94
N ARG A 192 -6.39 27.70 10.15
CA ARG A 192 -7.43 27.41 9.15
C ARG A 192 -8.84 27.49 9.73
N ASN A 193 -8.95 27.95 10.97
CA ASN A 193 -10.23 27.98 11.70
C ASN A 193 -10.95 26.64 11.79
N VAL A 194 -10.15 25.57 11.84
CA VAL A 194 -10.67 24.22 11.97
C VAL A 194 -10.71 23.89 13.44
N MET A 195 -11.89 23.46 13.91
CA MET A 195 -12.07 23.09 15.32
C MET A 195 -11.79 21.61 15.57
N TRP A 196 -12.00 20.79 14.54
CA TRP A 196 -11.96 19.34 14.71
C TRP A 196 -11.35 18.72 13.49
N PHE A 197 -10.56 17.69 13.70
CA PHE A 197 -9.98 16.95 12.59
C PHE A 197 -10.28 15.47 12.83
N VAL A 198 -10.99 14.87 11.87
CA VAL A 198 -11.39 13.46 11.96
C VAL A 198 -10.37 12.62 11.18
N VAL A 199 -9.74 11.69 11.88
CA VAL A 199 -8.71 10.82 11.30
C VAL A 199 -9.31 9.45 11.06
N THR A 200 -9.28 9.03 9.80
CA THR A 200 -9.94 7.78 9.39
C THR A 200 -8.96 6.77 8.82
N ALA A 201 -7.81 7.24 8.35
CA ALA A 201 -6.78 6.34 7.80
C ALA A 201 -5.96 5.70 8.94
N LEU A 202 -5.89 4.38 8.93
CA LEU A 202 -5.25 3.67 10.04
C LEU A 202 -3.77 3.99 10.19
N ASP A 203 -3.07 4.18 9.07
CA ASP A 203 -1.65 4.56 9.16
C ASP A 203 -1.43 5.94 9.74
N GLU A 204 -2.37 6.85 9.49
CA GLU A 204 -2.27 8.20 10.06
C GLU A 204 -2.43 8.19 11.58
N ILE A 205 -3.35 7.36 12.06
CA ILE A 205 -3.57 7.20 13.51
C ILE A 205 -2.34 6.57 14.18
N ALA A 206 -1.79 5.53 13.57
CA ALA A 206 -0.58 4.90 14.06
C ALA A 206 0.57 5.90 14.15
N TRP A 207 0.79 6.66 13.08
CA TRP A 207 1.89 7.63 13.09
C TRP A 207 1.64 8.71 14.13
N LEU A 208 0.40 9.21 14.21
CA LEU A 208 0.14 10.32 15.15
C LEU A 208 0.40 9.96 16.59
N PHE A 209 0.04 8.74 16.98
CA PHE A 209 0.20 8.34 18.39
C PHE A 209 1.44 7.49 18.66
N ASN A 210 2.29 7.33 17.64
CA ASN A 210 3.49 6.51 17.75
C ASN A 210 3.16 5.10 18.26
N LEU A 211 2.11 4.52 17.68
CA LEU A 211 1.68 3.19 18.04
C LEU A 211 1.70 2.37 16.76
N ARG A 212 1.81 1.06 16.91
CA ARG A 212 1.64 0.14 15.75
C ARG A 212 0.74 -1.01 16.15
N GLY A 213 0.27 -1.78 15.18
CA GLY A 213 -0.55 -2.95 15.49
C GLY A 213 -0.38 -3.97 14.38
N SER A 214 -1.30 -4.93 14.35
CA SER A 214 -1.25 -6.02 13.35
C SER A 214 -2.64 -6.52 13.02
N ASP A 215 -3.62 -5.61 13.06
CA ASP A 215 -5.02 -5.99 12.79
C ASP A 215 -5.25 -6.27 11.31
N VAL A 216 -4.47 -5.60 10.45
CA VAL A 216 -4.52 -5.69 8.98
C VAL A 216 -3.27 -6.46 8.55
N GLU A 217 -3.38 -7.32 7.53
CA GLU A 217 -2.20 -8.02 7.00
C GLU A 217 -1.20 -7.01 6.47
N HIS A 218 0.08 -7.26 6.73
CA HIS A 218 1.22 -6.51 6.14
C HIS A 218 1.43 -5.11 6.69
N ASN A 219 0.40 -4.28 6.62
CA ASN A 219 0.46 -2.92 7.15
C ASN A 219 0.27 -2.98 8.67
N PRO A 220 1.24 -2.46 9.45
CA PRO A 220 1.27 -2.65 10.90
C PRO A 220 0.38 -1.66 11.65
N VAL A 221 -0.91 -1.76 11.37
CA VAL A 221 -1.90 -0.80 11.88
C VAL A 221 -3.02 -1.51 12.66
N PHE A 222 -3.85 -0.71 13.34
CA PHE A 222 -4.93 -1.25 14.16
C PHE A 222 -6.23 -0.51 13.88
N PHE A 223 -7.35 -1.23 13.91
CA PHE A 223 -8.66 -0.63 13.68
C PHE A 223 -8.96 0.43 14.73
N SER A 224 -9.20 1.65 14.27
CA SER A 224 -9.45 2.78 15.18
C SER A 224 -9.89 3.97 14.34
N TYR A 225 -10.42 4.98 15.03
CA TYR A 225 -10.55 6.33 14.46
C TYR A 225 -10.01 7.30 15.51
N ALA A 226 -9.71 8.53 15.12
CA ALA A 226 -9.40 9.56 16.09
C ALA A 226 -10.11 10.84 15.71
N ILE A 227 -10.47 11.62 16.72
CA ILE A 227 -10.90 13.00 16.47
C ILE A 227 -10.01 13.89 17.32
N ILE A 228 -9.35 14.84 16.65
CA ILE A 228 -8.45 15.77 17.29
C ILE A 228 -9.18 17.13 17.38
N GLY A 229 -9.30 17.64 18.61
CA GLY A 229 -9.80 19.00 18.82
C GLY A 229 -8.66 19.88 19.24
N LEU A 230 -8.93 21.17 19.46
CA LEU A 230 -7.88 22.07 19.91
C LEU A 230 -7.53 21.85 21.38
N GLU A 231 -8.48 21.31 22.14
CA GLU A 231 -8.33 21.13 23.58
C GLU A 231 -8.65 19.73 24.08
N THR A 232 -8.96 18.83 23.14
CA THR A 232 -9.29 17.46 23.51
C THR A 232 -8.79 16.51 22.42
N ILE A 233 -8.71 15.23 22.78
CA ILE A 233 -8.36 14.15 21.85
C ILE A 233 -9.28 12.98 22.11
N MET A 234 -9.83 12.38 21.05
N MET A 234 -9.88 12.43 21.07
CA MET A 234 -10.73 11.24 21.21
CA MET A 234 -10.69 11.22 21.22
C MET A 234 -10.22 10.08 20.36
C MET A 234 -10.05 10.12 20.40
N LEU A 235 -9.93 8.95 21.00
CA LEU A 235 -9.41 7.80 20.27
C LEU A 235 -10.49 6.71 20.37
N PHE A 236 -10.98 6.25 19.22
CA PHE A 236 -12.03 5.24 19.11
C PHE A 236 -11.37 3.92 18.83
N ILE A 237 -11.37 3.05 19.84
CA ILE A 237 -10.61 1.79 19.73
C ILE A 237 -11.21 0.78 20.70
N ASP A 238 -11.31 -0.48 20.27
CA ASP A 238 -11.79 -1.53 21.15
C ASP A 238 -10.63 -2.34 21.69
N GLY A 239 -10.87 -2.99 22.83
CA GLY A 239 -9.99 -4.04 23.33
C GLY A 239 -9.22 -3.64 24.59
N ASP A 240 -8.99 -4.62 25.46
CA ASP A 240 -8.16 -4.41 26.65
C ASP A 240 -6.70 -4.15 26.30
N ARG A 241 -6.35 -4.32 25.03
CA ARG A 241 -5.01 -3.97 24.55
C ARG A 241 -4.64 -2.54 24.93
N ILE A 242 -5.66 -1.67 24.99
CA ILE A 242 -5.43 -0.25 25.32
C ILE A 242 -4.99 -0.08 26.78
N ASP A 243 -5.23 -1.11 27.59
CA ASP A 243 -4.91 -1.12 29.02
C ASP A 243 -3.60 -1.81 29.34
N ALA A 244 -2.87 -2.29 28.33
CA ALA A 244 -1.54 -2.85 28.59
C ALA A 244 -0.67 -1.76 29.22
N PRO A 245 0.11 -2.11 30.27
CA PRO A 245 0.89 -1.07 30.95
C PRO A 245 1.78 -0.22 30.06
N SER A 246 2.44 -0.82 29.07
CA SER A 246 3.31 -0.06 28.19
C SER A 246 2.51 0.98 27.41
N VAL A 247 1.28 0.61 27.04
CA VAL A 247 0.42 1.48 26.22
C VAL A 247 -0.13 2.59 27.07
N LYS A 248 -0.59 2.25 28.28
CA LYS A 248 -1.04 3.30 29.23
C LYS A 248 0.07 4.31 29.48
N GLU A 249 1.29 3.83 29.68
CA GLU A 249 2.41 4.73 29.98
C GLU A 249 2.73 5.62 28.79
N HIS A 250 2.75 5.03 27.60
CA HIS A 250 3.09 5.74 26.38
C HIS A 250 2.08 6.85 26.09
N LEU A 251 0.80 6.55 26.32
CA LEU A 251 -0.29 7.46 25.98
C LEU A 251 -0.62 8.38 27.13
N LEU A 252 0.18 8.29 28.19
CA LEU A 252 0.03 9.11 29.42
C LEU A 252 -1.35 8.99 30.07
N LEU A 253 -1.95 7.80 29.98
CA LEU A 253 -3.31 7.55 30.46
C LEU A 253 -3.43 7.43 31.98
N ASP A 254 -2.32 7.16 32.69
CA ASP A 254 -2.33 7.22 34.16
C ASP A 254 -1.54 8.39 34.77
N LEU A 255 -1.71 9.57 34.21
CA LEU A 255 -1.21 10.80 34.80
C LEU A 255 -2.39 11.68 35.19
N GLY A 256 -2.10 12.74 35.96
CA GLY A 256 -3.06 13.82 36.18
C GLY A 256 -2.65 14.99 35.30
N LEU A 257 -2.34 14.68 34.05
CA LEU A 257 -1.71 15.59 33.09
C LEU A 257 -2.54 16.83 32.70
N GLU A 258 -1.87 17.76 32.01
CA GLU A 258 -2.53 18.90 31.35
C GLU A 258 -3.66 18.41 30.44
N ALA A 259 -4.81 19.08 30.52
CA ALA A 259 -6.07 18.60 29.94
C ALA A 259 -6.08 18.46 28.41
N GLU A 260 -5.30 19.27 27.70
CA GLU A 260 -5.33 19.23 26.24
C GLU A 260 -4.66 17.98 25.66
N TYR A 261 -3.93 17.26 26.50
CA TYR A 261 -3.29 16.03 26.04
C TYR A 261 -3.90 14.80 26.69
N ARG A 262 -5.06 14.98 27.32
CA ARG A 262 -5.80 13.87 27.89
C ARG A 262 -6.53 13.13 26.77
N ILE A 263 -6.10 11.90 26.47
CA ILE A 263 -6.80 11.13 25.43
C ILE A 263 -8.03 10.51 26.04
N GLN A 264 -9.20 10.76 25.44
CA GLN A 264 -10.43 10.07 25.83
C GLN A 264 -10.57 8.84 24.96
N VAL A 265 -10.66 7.68 25.59
CA VAL A 265 -10.84 6.42 24.86
C VAL A 265 -12.31 6.04 24.78
N HIS A 266 -12.80 5.95 23.55
CA HIS A 266 -14.19 5.62 23.27
C HIS A 266 -14.27 4.29 22.50
N PRO A 267 -15.42 3.61 22.58
CA PRO A 267 -15.62 2.41 21.74
C PRO A 267 -15.46 2.69 20.24
N TYR A 268 -14.91 1.72 19.50
CA TYR A 268 -14.70 1.86 18.08
C TYR A 268 -16.00 2.21 17.34
N LYS A 269 -17.11 1.61 17.78
CA LYS A 269 -18.42 1.83 17.15
C LYS A 269 -19.02 3.20 17.41
N SER A 270 -18.46 3.94 18.34
N SER A 270 -18.47 3.94 18.35
CA SER A 270 -19.05 5.21 18.75
CA SER A 270 -19.08 5.22 18.73
C SER A 270 -18.71 6.38 17.83
C SER A 270 -18.52 6.43 17.94
N ILE A 271 -17.85 6.15 16.84
CA ILE A 271 -17.34 7.25 15.99
C ILE A 271 -18.43 8.17 15.45
N LEU A 272 -19.48 7.58 14.86
CA LEU A 272 -20.50 8.41 14.22
C LEU A 272 -21.32 9.19 15.23
N SER A 273 -21.65 8.54 16.35
CA SER A 273 -22.50 9.21 17.33
C SER A 273 -21.74 10.32 18.05
N GLU A 274 -20.45 10.13 18.32
CA GLU A 274 -19.65 11.21 18.94
C GLU A 274 -19.41 12.34 17.93
N LEU A 275 -19.17 11.98 16.65
CA LEU A 275 -18.98 13.03 15.66
C LEU A 275 -20.26 13.82 15.46
N LYS A 276 -21.40 13.13 15.44
CA LYS A 276 -22.69 13.81 15.30
C LYS A 276 -22.91 14.80 16.46
N ALA A 277 -22.55 14.38 17.66
CA ALA A 277 -22.73 15.23 18.86
C ALA A 277 -21.86 16.48 18.80
N LEU A 278 -20.59 16.33 18.37
CA LEU A 278 -19.71 17.49 18.22
C LEU A 278 -20.25 18.43 17.15
N CYS A 279 -20.71 17.87 16.04
CA CYS A 279 -21.21 18.70 14.95
C CYS A 279 -22.48 19.47 15.33
N ALA A 280 -23.32 18.85 16.16
CA ALA A 280 -24.54 19.52 16.66
C ALA A 280 -24.20 20.83 17.37
N ASP A 281 -22.99 20.92 17.92
CA ASP A 281 -22.58 22.09 18.73
C ASP A 281 -21.70 23.14 18.02
N LEU A 282 -21.46 22.94 16.73
CA LEU A 282 -20.65 23.87 15.94
C LEU A 282 -21.34 25.20 15.80
N SER A 283 -20.53 26.26 15.90
CA SER A 283 -21.02 27.61 15.57
C SER A 283 -20.71 27.90 14.09
N PRO A 284 -21.42 28.88 13.49
CA PRO A 284 -21.43 29.06 12.03
C PRO A 284 -20.12 28.95 11.23
N ARG A 285 -19.03 29.52 11.73
CA ARG A 285 -17.77 29.53 10.95
C ARG A 285 -16.79 28.41 11.31
N GLU A 286 -17.21 27.50 12.19
CA GLU A 286 -16.33 26.44 12.64
C GLU A 286 -16.26 25.26 11.67
N LYS A 287 -15.03 24.87 11.38
CA LYS A 287 -14.78 23.85 10.35
C LYS A 287 -14.36 22.52 10.94
N VAL A 288 -14.73 21.44 10.25
CA VAL A 288 -14.25 20.10 10.60
C VAL A 288 -13.47 19.54 9.41
N TRP A 289 -12.18 19.23 9.62
CA TRP A 289 -11.31 18.63 8.58
C TRP A 289 -11.58 17.15 8.46
N VAL A 290 -11.78 16.68 7.24
CA VAL A 290 -11.95 15.27 6.96
C VAL A 290 -11.27 15.00 5.62
N SER A 291 -10.74 13.80 5.45
CA SER A 291 -10.14 13.40 4.18
C SER A 291 -11.22 13.29 3.12
N ASP A 292 -10.93 13.70 1.89
CA ASP A 292 -11.90 13.50 0.83
C ASP A 292 -12.02 12.01 0.45
N LYS A 293 -11.16 11.18 1.06
CA LYS A 293 -11.18 9.72 0.93
C LYS A 293 -12.02 9.00 1.99
N ALA A 294 -12.38 9.71 3.07
CA ALA A 294 -13.22 9.18 4.15
C ALA A 294 -14.55 8.62 3.65
N SER A 295 -15.13 7.71 4.43
CA SER A 295 -16.39 7.08 4.05
C SER A 295 -17.50 8.12 3.96
N TYR A 296 -18.49 7.84 3.11
CA TYR A 296 -19.68 8.69 3.04
C TYR A 296 -20.32 8.86 4.43
N ALA A 297 -20.38 7.77 5.20
CA ALA A 297 -21.01 7.82 6.52
C ALA A 297 -20.33 8.86 7.41
N VAL A 298 -19.00 8.84 7.42
CA VAL A 298 -18.26 9.81 8.23
C VAL A 298 -18.40 11.25 7.69
N SER A 299 -18.17 11.43 6.40
N SER A 299 -18.17 11.41 6.40
CA SER A 299 -18.23 12.75 5.78
CA SER A 299 -18.24 12.72 5.75
C SER A 299 -19.62 13.38 5.88
C SER A 299 -19.61 13.37 5.88
N GLU A 300 -20.67 12.59 5.63
CA GLU A 300 -22.06 13.09 5.66
C GLU A 300 -22.51 13.46 7.07
N THR A 301 -21.88 12.88 8.08
CA THR A 301 -22.18 13.23 9.46
C THR A 301 -21.85 14.70 9.71
N ILE A 302 -20.86 15.23 9.00
CA ILE A 302 -20.47 16.62 9.15
C ILE A 302 -21.36 17.48 8.27
N PRO A 303 -22.10 18.45 8.86
CA PRO A 303 -22.97 19.23 7.98
C PRO A 303 -22.16 19.91 6.90
N LYS A 304 -22.73 19.98 5.69
CA LYS A 304 -22.03 20.49 4.52
C LYS A 304 -21.40 21.87 4.75
N ASP A 305 -22.12 22.73 5.48
CA ASP A 305 -21.66 24.09 5.78
C ASP A 305 -20.36 24.11 6.60
N HIS A 306 -20.05 23.00 7.27
CA HIS A 306 -18.91 22.97 8.18
C HIS A 306 -17.82 22.02 7.70
N ARG A 307 -18.10 21.34 6.59
CA ARG A 307 -17.27 20.24 6.13
C ARG A 307 -16.11 20.76 5.30
N CYS A 308 -14.89 20.51 5.77
CA CYS A 308 -13.69 20.98 5.10
C CYS A 308 -12.90 19.77 4.61
N CYS A 309 -13.25 19.30 3.41
CA CYS A 309 -12.59 18.14 2.79
C CYS A 309 -11.20 18.50 2.30
N MET A 310 -10.29 17.52 2.36
CA MET A 310 -8.93 17.73 1.87
C MET A 310 -8.39 16.49 1.17
N PRO A 311 -7.69 16.68 0.04
CA PRO A 311 -7.01 15.56 -0.64
C PRO A 311 -6.00 14.84 0.27
N TYR A 312 -5.17 15.61 0.98
CA TYR A 312 -4.16 15.05 1.88
C TYR A 312 -4.27 15.72 3.23
N THR A 313 -4.45 14.92 4.28
CA THR A 313 -4.50 15.51 5.60
C THR A 313 -3.12 16.04 5.96
N PRO A 314 -3.04 16.92 6.97
CA PRO A 314 -1.74 17.37 7.45
C PRO A 314 -0.89 16.26 8.06
N ILE A 315 -1.54 15.16 8.44
CA ILE A 315 -0.78 14.01 8.91
C ILE A 315 -0.06 13.33 7.73
N CYS A 316 -0.79 13.14 6.64
CA CYS A 316 -0.20 12.55 5.46
C CYS A 316 1.04 13.34 4.99
N ILE A 317 0.93 14.66 5.01
CA ILE A 317 2.01 15.56 4.62
C ILE A 317 3.20 15.49 5.59
N ALA A 318 2.92 15.49 6.90
CA ALA A 318 4.00 15.44 7.87
C ALA A 318 4.74 14.09 7.83
N LYS A 319 3.98 12.99 7.73
CA LYS A 319 4.63 11.69 7.82
C LYS A 319 5.40 11.32 6.55
N ALA A 320 5.16 12.04 5.47
CA ALA A 320 5.88 11.83 4.22
C ALA A 320 7.36 12.16 4.35
N VAL A 321 7.68 13.09 5.25
CA VAL A 321 9.07 13.51 5.41
C VAL A 321 9.60 12.81 6.67
N LYS A 322 10.55 11.91 6.45
CA LYS A 322 11.15 11.16 7.56
C LYS A 322 12.20 12.03 8.25
N ASN A 323 12.10 12.12 9.58
CA ASN A 323 13.13 12.80 10.36
C ASN A 323 14.38 11.90 10.49
N SER A 324 15.42 12.39 11.17
N SER A 324 15.40 12.41 11.15
CA SER A 324 16.67 11.64 11.21
CA SER A 324 16.66 11.67 11.27
C SER A 324 16.56 10.31 11.99
C SER A 324 16.45 10.30 11.92
N ALA A 325 15.69 10.26 13.01
CA ALA A 325 15.47 8.99 13.75
C ALA A 325 14.82 8.01 12.79
N GLU A 326 13.81 8.46 12.06
CA GLU A 326 13.09 7.57 11.15
C GLU A 326 13.98 7.10 10.00
N SER A 327 14.71 8.03 9.39
CA SER A 327 15.54 7.62 8.25
C SER A 327 16.73 6.72 8.66
N GLU A 328 17.31 6.99 9.83
CA GLU A 328 18.33 6.08 10.37
C GLU A 328 17.73 4.68 10.62
N GLY A 329 16.50 4.61 11.13
CA GLY A 329 15.82 3.31 11.27
C GLY A 329 15.67 2.61 9.92
N MET A 330 15.26 3.37 8.92
CA MET A 330 15.14 2.79 7.57
C MET A 330 16.46 2.23 7.07
N ARG A 331 17.56 2.93 7.35
CA ARG A 331 18.90 2.44 6.97
C ARG A 331 19.19 1.11 7.66
N ARG A 332 18.93 1.04 8.97
CA ARG A 332 19.15 -0.18 9.78
C ARG A 332 18.33 -1.35 9.26
N ALA A 333 17.05 -1.09 8.99
CA ALA A 333 16.15 -2.11 8.51
C ALA A 333 16.69 -2.66 7.20
N HIS A 334 17.14 -1.74 6.32
CA HIS A 334 17.69 -2.17 5.01
C HIS A 334 18.99 -2.95 5.11
N ILE A 335 19.81 -2.62 6.11
CA ILE A 335 21.08 -3.37 6.33
C ILE A 335 20.77 -4.82 6.76
N LYS A 336 19.87 -4.97 7.72
CA LYS A 336 19.38 -6.32 8.08
C LYS A 336 18.76 -7.09 6.93
N ASP A 337 17.96 -6.39 6.13
CA ASP A 337 17.26 -7.05 5.02
C ASP A 337 18.29 -7.54 4.00
N ALA A 338 19.32 -6.72 3.76
CA ALA A 338 20.35 -7.08 2.79
C ALA A 338 21.13 -8.29 3.26
N VAL A 339 21.41 -8.35 4.56
CA VAL A 339 22.07 -9.55 5.12
C VAL A 339 21.28 -10.80 4.78
N ALA A 340 19.97 -10.74 5.05
CA ALA A 340 19.08 -11.86 4.77
C ALA A 340 19.10 -12.23 3.27
N LEU A 341 19.13 -11.22 2.40
CA LEU A 341 19.13 -11.50 0.95
C LEU A 341 20.47 -12.02 0.46
N CYS A 342 21.57 -11.59 1.08
CA CYS A 342 22.87 -12.20 0.75
C CYS A 342 22.85 -13.70 1.06
N GLU A 343 22.30 -14.06 2.21
CA GLU A 343 22.15 -15.47 2.58
C GLU A 343 21.24 -16.16 1.57
N LEU A 344 20.12 -15.52 1.21
CA LEU A 344 19.18 -16.15 0.29
C LEU A 344 19.82 -16.38 -1.08
N PHE A 345 20.47 -15.35 -1.63
CA PHE A 345 20.96 -15.47 -3.01
C PHE A 345 22.11 -16.47 -3.07
N ASN A 346 22.94 -16.51 -2.03
CA ASN A 346 23.98 -17.54 -1.94
C ASN A 346 23.37 -18.94 -1.92
N TRP A 347 22.32 -19.12 -1.12
CA TRP A 347 21.61 -20.38 -1.02
C TRP A 347 21.05 -20.74 -2.39
N LEU A 348 20.45 -19.76 -3.07
CA LEU A 348 19.89 -20.02 -4.41
C LEU A 348 20.97 -20.52 -5.37
N GLU A 349 22.14 -19.89 -5.33
CA GLU A 349 23.21 -20.26 -6.25
C GLU A 349 23.69 -21.70 -6.00
N LYS A 350 23.64 -22.12 -4.74
CA LYS A 350 24.05 -23.47 -4.36
C LYS A 350 22.99 -24.48 -4.72
N GLU A 351 21.72 -24.13 -4.49
CA GLU A 351 20.65 -25.11 -4.50
C GLU A 351 19.89 -25.22 -5.80
N VAL A 352 19.74 -24.12 -6.52
CA VAL A 352 19.00 -24.20 -7.80
C VAL A 352 19.56 -25.27 -8.77
N PRO A 353 20.90 -25.37 -8.92
CA PRO A 353 21.44 -26.40 -9.85
C PRO A 353 21.09 -27.84 -9.46
N LYS A 354 20.76 -28.08 -8.19
CA LYS A 354 20.38 -29.42 -7.74
C LYS A 354 18.96 -29.81 -8.15
N GLY A 355 18.16 -28.83 -8.60
CA GLY A 355 16.84 -29.11 -9.22
C GLY A 355 15.63 -29.14 -8.30
N GLY A 356 15.83 -28.83 -7.03
CA GLY A 356 14.75 -28.94 -6.05
C GLY A 356 14.14 -27.64 -5.58
N VAL A 357 14.62 -26.52 -6.11
CA VAL A 357 14.12 -25.20 -5.68
C VAL A 357 12.93 -24.79 -6.52
N THR A 358 11.83 -24.44 -5.84
CA THR A 358 10.62 -24.00 -6.52
C THR A 358 10.32 -22.55 -6.20
N GLU A 359 9.38 -21.98 -6.92
CA GLU A 359 9.02 -20.56 -6.67
C GLU A 359 8.63 -20.39 -5.21
N ILE A 360 7.82 -21.31 -4.70
CA ILE A 360 7.38 -21.23 -3.30
C ILE A 360 8.51 -21.54 -2.32
N SER A 361 9.31 -22.56 -2.58
CA SER A 361 10.38 -22.83 -1.61
C SER A 361 11.40 -21.69 -1.52
N ALA A 362 11.62 -20.97 -2.63
CA ALA A 362 12.53 -19.82 -2.60
C ALA A 362 11.89 -18.69 -1.80
N ALA A 363 10.60 -18.46 -2.00
CA ALA A 363 9.89 -17.44 -1.20
C ALA A 363 9.95 -17.83 0.29
N ASP A 364 9.73 -19.11 0.59
CA ASP A 364 9.79 -19.57 1.98
C ASP A 364 11.17 -19.29 2.57
N LYS A 365 12.21 -19.56 1.79
CA LYS A 365 13.57 -19.38 2.27
C LYS A 365 13.89 -17.90 2.51
N ALA A 366 13.33 -17.03 1.69
CA ALA A 366 13.56 -15.59 1.88
C ALA A 366 13.02 -15.17 3.25
N GLU A 367 11.82 -15.64 3.58
CA GLU A 367 11.21 -15.36 4.90
C GLU A 367 12.04 -15.96 6.04
N GLU A 368 12.48 -17.19 5.84
CA GLU A 368 13.33 -17.85 6.82
C GLU A 368 14.59 -17.03 7.17
N PHE A 369 15.27 -16.51 6.16
CA PHE A 369 16.46 -15.72 6.45
C PHE A 369 16.08 -14.37 7.08
N ARG A 370 14.99 -13.77 6.63
CA ARG A 370 14.59 -12.50 7.24
C ARG A 370 14.29 -12.64 8.74
N ARG A 371 13.64 -13.76 9.09
CA ARG A 371 13.22 -13.99 10.49
C ARG A 371 14.39 -14.12 11.45
N GLN A 372 15.58 -14.40 10.91
CA GLN A 372 16.80 -14.46 11.71
C GLN A 372 17.25 -13.10 12.21
N GLN A 373 16.83 -12.04 11.53
CA GLN A 373 17.31 -10.71 11.82
C GLN A 373 16.57 -10.07 13.01
N ALA A 374 17.31 -9.28 13.78
CA ALA A 374 16.79 -8.63 14.97
C ALA A 374 15.58 -7.77 14.62
N ASP A 375 14.54 -7.92 15.44
CA ASP A 375 13.34 -7.08 15.35
C ASP A 375 12.57 -7.19 14.04
N PHE A 376 12.76 -8.29 13.32
CA PHE A 376 11.83 -8.66 12.28
C PHE A 376 10.41 -8.74 12.84
N VAL A 377 9.46 -8.12 12.14
CA VAL A 377 8.06 -8.18 12.56
C VAL A 377 7.21 -9.07 11.65
N ASP A 378 7.19 -8.76 10.36
CA ASP A 378 6.45 -9.59 9.39
C ASP A 378 6.84 -9.15 7.99
N LEU A 379 6.29 -9.83 6.98
CA LEU A 379 6.50 -9.41 5.59
C LEU A 379 5.71 -8.14 5.32
N SER A 380 6.25 -7.26 4.47
CA SER A 380 5.57 -5.99 4.18
C SER A 380 4.57 -6.10 3.04
N PHE A 381 4.63 -7.22 2.32
CA PHE A 381 3.66 -7.61 1.28
C PHE A 381 3.99 -9.07 0.91
N PRO A 382 3.09 -9.76 0.21
CA PRO A 382 3.38 -11.14 -0.18
C PRO A 382 4.51 -11.22 -1.23
N THR A 383 5.47 -12.08 -0.98
CA THR A 383 6.62 -12.25 -1.88
C THR A 383 6.17 -12.63 -3.27
N ILE A 384 6.76 -11.99 -4.26
CA ILE A 384 6.58 -12.41 -5.66
C ILE A 384 7.85 -13.20 -6.01
N SER A 385 7.70 -14.48 -6.38
CA SER A 385 8.83 -15.34 -6.67
C SER A 385 8.44 -16.05 -7.97
N SER A 386 9.09 -15.67 -9.06
CA SER A 386 8.60 -16.03 -10.41
C SER A 386 9.74 -16.41 -11.31
N THR A 387 9.67 -17.59 -11.90
CA THR A 387 10.70 -18.00 -12.84
C THR A 387 10.10 -18.16 -14.23
N GLY A 388 10.85 -17.76 -15.25
CA GLY A 388 10.35 -17.92 -16.64
C GLY A 388 9.06 -17.15 -16.86
N PRO A 389 8.11 -17.76 -17.59
CA PRO A 389 6.90 -17.05 -18.00
C PRO A 389 6.11 -16.38 -16.89
N THR A 390 6.17 -16.92 -15.66
CA THR A 390 5.44 -16.39 -14.50
CA THR A 390 5.36 -16.32 -14.62
C THR A 390 5.90 -14.97 -14.21
N GLY A 391 7.16 -14.71 -14.53
CA GLY A 391 7.77 -13.41 -14.23
C GLY A 391 7.14 -12.29 -15.04
N ALA A 392 6.55 -12.61 -16.19
CA ALA A 392 5.89 -11.58 -16.99
C ALA A 392 4.53 -11.16 -16.44
N ILE A 393 4.00 -11.94 -15.50
CA ILE A 393 2.69 -11.70 -14.91
C ILE A 393 2.91 -10.76 -13.72
N ILE A 394 2.63 -9.48 -13.92
CA ILE A 394 3.00 -8.48 -12.92
C ILE A 394 2.39 -8.76 -11.53
N HIS A 395 1.12 -9.16 -11.50
CA HIS A 395 0.44 -9.47 -10.25
C HIS A 395 0.32 -10.99 -9.98
N TYR A 396 1.44 -11.70 -10.04
N TYR A 396 1.46 -11.67 -9.97
CA TYR A 396 1.39 -13.15 -9.79
CA TYR A 396 1.58 -13.15 -9.75
C TYR A 396 1.67 -13.54 -8.33
C TYR A 396 1.70 -13.56 -8.28
N ALA A 397 0.78 -14.41 -7.85
CA ALA A 397 0.77 -14.95 -6.51
C ALA A 397 0.66 -16.47 -6.58
N PRO A 398 1.52 -17.18 -5.83
CA PRO A 398 1.61 -18.64 -5.83
C PRO A 398 0.28 -19.39 -5.76
N VAL A 399 0.22 -20.51 -6.47
CA VAL A 399 -0.75 -21.59 -6.25
C VAL A 399 0.11 -22.85 -6.41
N PRO A 400 -0.03 -23.83 -5.49
CA PRO A 400 0.81 -25.02 -5.55
C PRO A 400 0.82 -25.78 -6.88
N GLU A 401 -0.27 -25.71 -7.65
CA GLU A 401 -0.32 -26.50 -8.89
C GLU A 401 0.34 -25.80 -10.09
N THR A 402 0.60 -24.50 -9.97
CA THR A 402 1.40 -23.78 -10.96
C THR A 402 2.73 -23.28 -10.34
N ASN A 403 3.18 -23.98 -9.30
CA ASN A 403 4.47 -23.72 -8.65
C ASN A 403 5.63 -24.24 -9.50
N ARG A 404 6.35 -23.34 -10.15
CA ARG A 404 7.42 -23.76 -11.08
C ARG A 404 8.73 -24.06 -10.37
N THR A 405 9.55 -24.92 -10.98
CA THR A 405 10.88 -25.20 -10.48
C THR A 405 11.91 -24.23 -11.10
N LEU A 406 12.73 -23.61 -10.26
CA LEU A 406 13.79 -22.74 -10.74
C LEU A 406 14.82 -23.58 -11.51
N SER A 407 15.42 -22.99 -12.53
CA SER A 407 16.39 -23.74 -13.31
C SER A 407 17.50 -22.88 -13.83
N LEU A 408 18.42 -23.54 -14.54
CA LEU A 408 19.53 -22.86 -15.18
C LEU A 408 19.14 -22.23 -16.52
N ASP A 409 17.88 -22.37 -16.92
CA ASP A 409 17.43 -21.93 -18.25
C ASP A 409 16.39 -20.80 -18.30
N GLU A 410 16.07 -20.23 -17.14
CA GLU A 410 15.01 -19.23 -17.04
C GLU A 410 15.43 -18.08 -16.14
N VAL A 411 15.03 -16.88 -16.51
CA VAL A 411 15.22 -15.71 -15.64
C VAL A 411 14.34 -15.81 -14.40
N TYR A 412 14.89 -15.45 -13.24
CA TYR A 412 14.15 -15.53 -11.98
C TYR A 412 14.00 -14.13 -11.37
N LEU A 413 12.76 -13.80 -11.01
CA LEU A 413 12.47 -12.49 -10.39
C LEU A 413 11.97 -12.73 -8.97
N ILE A 414 12.56 -12.00 -8.00
CA ILE A 414 12.07 -12.05 -6.63
C ILE A 414 11.88 -10.65 -6.06
N ASP A 415 10.63 -10.38 -5.69
CA ASP A 415 10.25 -9.09 -5.07
C ASP A 415 9.75 -9.41 -3.69
N SER A 416 10.39 -8.82 -2.69
CA SER A 416 10.11 -9.19 -1.31
C SER A 416 10.42 -8.03 -0.38
N GLY A 417 9.94 -8.09 0.85
CA GLY A 417 10.18 -6.97 1.77
C GLY A 417 9.64 -7.31 3.13
N ALA A 418 10.13 -6.59 4.13
CA ALA A 418 9.76 -6.85 5.50
C ALA A 418 9.46 -5.57 6.28
N GLN A 419 8.69 -5.75 7.34
CA GLN A 419 8.55 -4.77 8.41
C GLN A 419 9.48 -5.22 9.52
N TYR A 420 10.33 -4.30 9.97
CA TYR A 420 11.14 -4.44 11.17
C TYR A 420 10.67 -3.33 12.11
N LYS A 421 10.95 -3.45 13.41
CA LYS A 421 10.63 -2.36 14.32
C LYS A 421 11.28 -1.07 13.83
N ASP A 422 12.44 -1.18 13.18
CA ASP A 422 13.23 -0.05 12.70
C ASP A 422 12.74 0.58 11.42
N GLY A 423 11.97 -0.16 10.61
CA GLY A 423 11.69 0.33 9.26
C GLY A 423 11.08 -0.70 8.32
N THR A 424 10.96 -0.32 7.05
CA THR A 424 10.15 -1.05 6.10
C THR A 424 10.92 -1.20 4.81
N THR A 425 10.91 -2.41 4.23
CA THR A 425 11.67 -2.64 3.00
C THR A 425 10.82 -3.17 1.88
N ASP A 426 11.39 -3.06 0.69
CA ASP A 426 10.74 -3.44 -0.57
C ASP A 426 11.86 -3.49 -1.60
N VAL A 427 12.13 -4.69 -2.12
CA VAL A 427 13.27 -4.84 -3.05
C VAL A 427 12.94 -5.90 -4.09
N THR A 428 13.22 -5.62 -5.35
CA THR A 428 13.16 -6.63 -6.41
C THR A 428 14.53 -6.78 -7.04
N ARG A 429 14.92 -8.04 -7.23
CA ARG A 429 16.08 -8.38 -8.04
C ARG A 429 15.68 -9.43 -9.04
N THR A 430 16.31 -9.35 -10.20
CA THR A 430 16.09 -10.33 -11.30
C THR A 430 17.46 -10.92 -11.63
N MET A 431 17.49 -12.24 -11.79
CA MET A 431 18.78 -12.92 -11.92
C MET A 431 18.67 -14.15 -12.81
N HIS A 432 19.82 -14.72 -13.12
CA HIS A 432 19.88 -15.93 -13.95
C HIS A 432 20.97 -16.83 -13.39
N PHE A 433 20.74 -18.14 -13.41
CA PHE A 433 21.68 -19.06 -12.78
C PHE A 433 22.71 -19.68 -13.71
N GLU A 434 22.68 -19.25 -14.97
CA GLU A 434 23.69 -19.71 -15.91
C GLU A 434 23.87 -18.63 -16.98
N THR A 435 23.38 -18.87 -18.20
CA THR A 435 23.59 -17.93 -19.32
C THR A 435 22.24 -17.43 -19.88
N PRO A 436 21.92 -16.15 -19.64
CA PRO A 436 20.72 -15.57 -20.24
C PRO A 436 20.88 -15.31 -21.74
N THR A 437 19.75 -15.17 -22.43
CA THR A 437 19.80 -14.83 -23.84
C THR A 437 20.19 -13.37 -24.05
N ALA A 438 20.54 -13.02 -25.28
CA ALA A 438 20.90 -11.63 -25.56
C ALA A 438 19.69 -10.73 -25.35
N TYR A 439 18.51 -11.20 -25.72
CA TYR A 439 17.30 -10.38 -25.56
C TYR A 439 16.99 -10.16 -24.08
N GLU A 440 17.16 -11.22 -23.27
CA GLU A 440 16.97 -11.07 -21.81
C GLU A 440 17.92 -10.02 -21.23
N LYS A 441 19.19 -10.08 -21.65
CA LYS A 441 20.18 -9.07 -21.23
C LYS A 441 19.85 -7.67 -21.78
N GLU A 442 19.38 -7.62 -23.03
CA GLU A 442 19.01 -6.35 -23.68
C GLU A 442 17.93 -5.64 -22.85
N CYS A 443 16.88 -6.39 -22.51
CA CYS A 443 15.78 -5.81 -21.70
C CYS A 443 16.25 -5.43 -20.31
N PHE A 444 17.02 -6.32 -19.67
CA PHE A 444 17.54 -6.01 -18.32
C PHE A 444 18.35 -4.72 -18.33
N THR A 445 19.12 -4.52 -19.39
CA THR A 445 20.02 -3.37 -19.45
C THR A 445 19.22 -2.09 -19.68
N TYR A 446 18.17 -2.16 -20.50
CA TYR A 446 17.27 -0.98 -20.62
C TYR A 446 16.65 -0.64 -19.28
N VAL A 447 16.26 -1.67 -18.53
CA VAL A 447 15.64 -1.44 -17.21
C VAL A 447 16.66 -0.81 -16.26
N LEU A 448 17.88 -1.36 -16.25
CA LEU A 448 18.94 -0.86 -15.38
C LEU A 448 19.28 0.58 -15.74
N LYS A 449 19.35 0.89 -17.05
CA LYS A 449 19.63 2.28 -17.46
C LYS A 449 18.59 3.23 -16.86
N GLY A 450 17.33 2.80 -16.90
CA GLY A 450 16.24 3.62 -16.34
C GLY A 450 16.38 3.75 -14.83
N HIS A 451 16.70 2.63 -14.18
CA HIS A 451 16.87 2.66 -12.74
C HIS A 451 17.93 3.66 -12.33
N ILE A 452 19.05 3.63 -13.05
CA ILE A 452 20.17 4.53 -12.71
C ILE A 452 19.80 5.97 -13.07
N ALA A 453 19.09 6.17 -14.18
CA ALA A 453 18.69 7.53 -14.59
C ALA A 453 17.88 8.18 -13.50
N VAL A 454 17.03 7.42 -12.82
CA VAL A 454 16.26 7.97 -11.72
C VAL A 454 17.16 8.16 -10.48
N SER A 455 17.86 7.11 -10.08
CA SER A 455 18.61 7.18 -8.83
C SER A 455 19.71 8.25 -8.87
N ALA A 456 20.33 8.43 -10.02
CA ALA A 456 21.43 9.40 -10.17
C ALA A 456 20.94 10.81 -10.53
N ALA A 457 19.62 10.98 -10.70
CA ALA A 457 19.07 12.27 -11.08
C ALA A 457 19.36 13.32 -10.04
N VAL A 458 19.67 14.53 -10.51
CA VAL A 458 19.84 15.71 -9.65
C VAL A 458 18.77 16.71 -10.07
N PHE A 459 18.06 17.25 -9.10
CA PHE A 459 16.91 18.08 -9.42
C PHE A 459 16.66 19.11 -8.33
N PRO A 460 16.01 20.22 -8.70
CA PRO A 460 15.74 21.24 -7.67
C PRO A 460 14.85 20.74 -6.56
N THR A 461 15.05 21.27 -5.35
N THR A 461 15.04 21.28 -5.36
CA THR A 461 14.11 21.02 -4.27
CA THR A 461 14.11 21.01 -4.28
C THR A 461 12.70 21.36 -4.72
C THR A 461 12.70 21.37 -4.71
N GLY A 462 11.74 20.51 -4.36
CA GLY A 462 10.33 20.75 -4.67
C GLY A 462 9.88 20.31 -6.06
N THR A 463 10.74 19.61 -6.79
CA THR A 463 10.35 18.99 -8.06
C THR A 463 9.35 17.88 -7.75
N LYS A 464 8.21 17.85 -8.44
CA LYS A 464 7.27 16.76 -8.21
C LYS A 464 7.85 15.46 -8.77
N GLY A 465 7.68 14.38 -8.01
CA GLY A 465 8.28 13.10 -8.38
C GLY A 465 7.79 12.59 -9.71
N HIS A 466 6.55 12.93 -10.07
CA HIS A 466 6.07 12.46 -11.36
C HIS A 466 6.97 12.93 -12.51
N LEU A 467 7.68 14.03 -12.28
CA LEU A 467 8.58 14.55 -13.28
C LEU A 467 9.88 13.75 -13.44
N LEU A 468 10.04 12.67 -12.69
CA LEU A 468 11.20 11.81 -12.82
C LEU A 468 10.85 10.52 -13.54
N ASP A 469 9.55 10.32 -13.76
CA ASP A 469 9.07 9.03 -14.24
C ASP A 469 9.64 8.71 -15.62
N SER A 470 9.68 9.69 -16.52
CA SER A 470 10.15 9.40 -17.88
C SER A 470 11.63 9.05 -17.96
N PHE A 471 12.44 9.54 -17.01
CA PHE A 471 13.83 9.15 -16.98
C PHE A 471 14.00 7.63 -16.90
N ALA A 472 13.10 6.98 -16.17
CA ALA A 472 13.17 5.51 -16.01
C ALA A 472 12.82 4.77 -17.29
N ARG A 473 12.15 5.47 -18.21
CA ARG A 473 11.54 4.80 -19.40
C ARG A 473 12.28 5.03 -20.72
N SER A 474 13.12 6.08 -20.77
N SER A 474 13.13 6.07 -20.79
N SER A 474 13.13 6.07 -20.76
CA SER A 474 13.77 6.50 -22.02
CA SER A 474 13.70 6.51 -22.08
CA SER A 474 13.75 6.53 -22.01
C SER A 474 14.34 5.35 -22.81
C SER A 474 14.46 5.43 -22.87
C SER A 474 14.42 5.41 -22.83
N ALA A 475 15.25 4.60 -22.18
CA ALA A 475 15.96 3.50 -22.87
C ALA A 475 14.99 2.46 -23.42
N LEU A 476 13.98 2.09 -22.63
CA LEU A 476 12.94 1.16 -23.10
C LEU A 476 12.17 1.79 -24.25
N TRP A 477 11.72 3.02 -24.05
CA TRP A 477 10.93 3.72 -25.06
C TRP A 477 11.65 3.79 -26.41
N ASP A 478 12.94 4.04 -26.38
CA ASP A 478 13.73 4.19 -27.62
C ASP A 478 13.69 2.94 -28.47
N SER A 479 13.52 1.77 -27.83
N SER A 479 13.52 1.78 -27.81
CA SER A 479 13.41 0.49 -28.54
CA SER A 479 13.44 0.48 -28.47
C SER A 479 11.99 -0.04 -28.68
C SER A 479 12.02 0.04 -28.82
N GLY A 480 11.02 0.79 -28.34
CA GLY A 480 9.63 0.41 -28.50
C GLY A 480 9.05 -0.44 -27.37
N LEU A 481 9.73 -0.44 -26.21
CA LEU A 481 9.27 -1.22 -25.06
C LEU A 481 8.79 -0.29 -23.95
N ASP A 482 8.08 -0.84 -22.97
CA ASP A 482 7.59 -0.05 -21.82
C ASP A 482 7.14 -1.02 -20.75
N TYR A 483 6.76 -0.48 -19.59
CA TYR A 483 6.16 -1.26 -18.52
C TYR A 483 4.90 -0.59 -18.04
N LEU A 484 3.86 -1.39 -17.82
CA LEU A 484 2.57 -0.87 -17.47
C LEU A 484 2.38 -0.77 -15.96
N HIS A 485 3.32 -0.08 -15.32
CA HIS A 485 3.18 0.31 -13.93
C HIS A 485 3.99 1.55 -13.64
N GLY A 486 3.71 2.16 -12.49
CA GLY A 486 4.45 3.32 -12.07
C GLY A 486 5.91 3.02 -11.75
N THR A 487 6.72 4.06 -11.75
CA THR A 487 8.16 3.92 -11.47
C THR A 487 8.46 3.81 -9.98
N GLY A 488 7.59 4.35 -9.13
CA GLY A 488 7.87 4.28 -7.68
C GLY A 488 6.72 4.77 -6.84
N HIS A 489 6.80 4.48 -5.55
CA HIS A 489 5.79 4.93 -4.58
C HIS A 489 6.54 5.35 -3.32
N GLY A 490 5.90 6.20 -2.51
CA GLY A 490 6.40 6.46 -1.17
C GLY A 490 6.42 5.19 -0.30
N VAL A 491 7.27 5.20 0.72
CA VAL A 491 7.45 4.06 1.60
C VAL A 491 7.37 4.53 3.06
N GLY A 492 6.60 3.82 3.90
CA GLY A 492 6.46 4.20 5.30
C GLY A 492 7.63 3.82 6.20
N SER A 493 7.66 4.43 7.39
CA SER A 493 8.66 4.14 8.43
C SER A 493 8.06 3.14 9.41
N PHE A 494 8.35 1.84 9.21
CA PHE A 494 7.63 0.78 9.93
C PHE A 494 6.12 1.05 9.78
N LEU A 495 5.71 1.29 8.53
CA LEU A 495 4.33 1.60 8.23
C LEU A 495 4.09 1.10 6.81
N ASN A 496 2.98 1.48 6.18
CA ASN A 496 2.60 0.89 4.87
C ASN A 496 3.74 1.01 3.89
N VAL A 497 4.09 -0.10 3.23
CA VAL A 497 5.12 -0.06 2.20
C VAL A 497 4.66 0.79 0.99
N HIS A 498 3.34 0.84 0.76
CA HIS A 498 2.76 1.75 -0.23
C HIS A 498 2.16 2.96 0.47
N GLU A 499 2.96 4.04 0.53
CA GLU A 499 2.58 5.29 1.21
C GLU A 499 2.74 6.55 0.33
N GLY A 500 1.69 7.37 0.20
CA GLY A 500 1.80 8.67 -0.49
C GLY A 500 2.23 9.76 0.49
N PRO A 501 2.09 11.04 0.11
CA PRO A 501 1.59 11.53 -1.17
C PRO A 501 2.67 11.74 -2.23
N CYS A 502 3.93 11.47 -1.90
CA CYS A 502 4.98 11.51 -2.91
C CYS A 502 4.98 10.19 -3.66
N GLY A 503 5.72 10.17 -4.77
CA GLY A 503 5.83 8.98 -5.59
C GLY A 503 6.37 9.37 -6.94
N ILE A 504 6.55 8.38 -7.83
CA ILE A 504 7.09 8.63 -9.15
C ILE A 504 6.22 7.86 -10.15
N SER A 505 5.23 8.54 -10.72
CA SER A 505 4.30 7.84 -11.61
C SER A 505 3.70 8.76 -12.66
N TYR A 506 3.45 8.19 -13.84
CA TYR A 506 2.69 8.87 -14.89
C TYR A 506 1.19 8.96 -14.55
N LYS A 507 0.78 8.23 -13.50
CA LYS A 507 -0.65 8.08 -13.17
C LYS A 507 -1.23 9.26 -12.39
N THR A 508 -0.38 10.13 -11.84
CA THR A 508 -0.84 11.31 -11.10
C THR A 508 0.06 12.52 -11.31
N PHE A 509 -0.55 13.69 -11.40
CA PHE A 509 0.18 14.95 -11.41
C PHE A 509 0.02 15.66 -10.05
N SER A 510 -0.83 15.09 -9.18
CA SER A 510 -1.14 15.72 -7.89
C SER A 510 -0.30 15.18 -6.73
N ASP A 511 0.80 14.50 -7.05
CA ASP A 511 1.73 14.03 -6.02
C ASP A 511 2.46 15.22 -5.40
N GLU A 512 3.06 15.01 -4.24
CA GLU A 512 3.68 16.12 -3.54
C GLU A 512 5.10 16.39 -4.02
N PRO A 513 5.49 17.67 -4.04
CA PRO A 513 6.85 18.04 -4.37
C PRO A 513 7.87 17.28 -3.53
N LEU A 514 8.91 16.76 -4.18
CA LEU A 514 9.95 16.02 -3.45
C LEU A 514 10.80 16.93 -2.59
N GLU A 515 11.01 16.51 -1.35
N GLU A 515 11.01 16.53 -1.34
N GLU A 515 11.02 16.52 -1.35
CA GLU A 515 11.83 17.22 -0.37
CA GLU A 515 11.88 17.24 -0.42
CA GLU A 515 11.91 17.24 -0.46
C GLU A 515 12.76 16.24 0.31
C GLU A 515 12.76 16.26 0.33
C GLU A 515 12.76 16.25 0.32
N ALA A 516 13.86 16.76 0.88
CA ALA A 516 14.80 15.94 1.63
C ALA A 516 14.08 15.17 2.74
N GLY A 517 14.36 13.87 2.83
CA GLY A 517 13.74 13.09 3.89
C GLY A 517 12.60 12.21 3.40
N MET A 518 12.06 12.52 2.22
CA MET A 518 11.08 11.59 1.64
C MET A 518 11.78 10.30 1.21
N ILE A 519 11.00 9.21 1.21
CA ILE A 519 11.53 7.92 0.80
C ILE A 519 10.60 7.31 -0.22
N VAL A 520 11.17 6.91 -1.37
CA VAL A 520 10.38 6.33 -2.45
C VAL A 520 11.09 5.14 -3.02
N THR A 521 10.36 4.38 -3.82
CA THR A 521 11.05 3.32 -4.60
C THR A 521 11.40 3.80 -6.00
N ASP A 522 12.38 3.12 -6.59
CA ASP A 522 12.82 3.35 -7.96
C ASP A 522 12.80 1.96 -8.57
N GLU A 523 11.77 1.71 -9.38
CA GLU A 523 11.49 0.32 -9.79
C GLU A 523 10.92 0.13 -11.20
N PRO A 524 11.68 0.56 -12.21
CA PRO A 524 11.31 0.23 -13.58
C PRO A 524 11.39 -1.29 -13.81
N GLY A 525 10.72 -1.77 -14.84
CA GLY A 525 10.77 -3.19 -15.18
C GLY A 525 10.47 -3.38 -16.65
N TYR A 526 10.47 -4.63 -17.08
CA TYR A 526 10.01 -4.98 -18.42
C TYR A 526 9.51 -6.43 -18.38
N TYR A 527 8.35 -6.66 -19.01
CA TYR A 527 7.64 -7.95 -18.88
C TYR A 527 7.33 -8.45 -20.28
N GLU A 528 7.85 -9.64 -20.61
CA GLU A 528 7.71 -10.25 -21.93
C GLU A 528 6.76 -11.43 -21.80
N ASP A 529 5.49 -11.20 -22.17
N ASP A 529 5.52 -11.20 -22.24
CA ASP A 529 4.42 -12.19 -21.93
CA ASP A 529 4.45 -12.19 -22.21
C ASP A 529 4.79 -13.54 -22.54
C ASP A 529 4.94 -13.58 -22.57
N GLY A 530 4.65 -14.57 -21.72
CA GLY A 530 5.01 -15.97 -22.02
C GLY A 530 6.49 -16.31 -21.95
N ALA A 531 7.32 -15.37 -21.50
CA ALA A 531 8.76 -15.56 -21.53
C ALA A 531 9.45 -15.25 -20.21
N PHE A 532 9.39 -14.00 -19.75
CA PHE A 532 10.12 -13.63 -18.53
C PHE A 532 9.66 -12.28 -18.07
N GLY A 533 10.06 -11.91 -16.85
CA GLY A 533 9.87 -10.54 -16.37
C GLY A 533 11.15 -10.07 -15.73
N ILE A 534 11.31 -8.74 -15.72
CA ILE A 534 12.48 -8.08 -15.11
C ILE A 534 11.97 -6.89 -14.32
N ARG A 535 12.47 -6.74 -13.11
CA ARG A 535 12.26 -5.49 -12.36
C ARG A 535 13.47 -5.30 -11.47
N ILE A 536 13.91 -4.05 -11.34
CA ILE A 536 15.08 -3.72 -10.51
C ILE A 536 14.62 -2.61 -9.58
N GLU A 537 14.37 -2.97 -8.32
CA GLU A 537 13.72 -2.06 -7.38
C GLU A 537 14.59 -1.82 -6.15
N ASN A 538 14.89 -0.53 -5.90
CA ASN A 538 15.47 -0.07 -4.65
C ASN A 538 14.56 0.91 -3.98
N VAL A 539 14.61 0.90 -2.65
CA VAL A 539 14.15 2.05 -1.83
C VAL A 539 15.27 3.09 -1.77
N VAL A 540 14.90 4.35 -2.04
CA VAL A 540 15.84 5.45 -2.06
C VAL A 540 15.36 6.58 -1.15
N LEU A 541 16.32 7.25 -0.52
CA LEU A 541 16.07 8.42 0.33
C LEU A 541 16.38 9.68 -0.46
N VAL A 542 15.49 10.68 -0.39
CA VAL A 542 15.73 11.96 -1.08
C VAL A 542 16.70 12.74 -0.19
N VAL A 543 17.83 13.15 -0.78
CA VAL A 543 18.91 13.81 -0.02
C VAL A 543 19.38 15.09 -0.70
N PRO A 544 19.85 16.06 0.09
CA PRO A 544 20.47 17.24 -0.57
C PRO A 544 21.77 16.92 -1.28
N VAL A 545 22.09 17.70 -2.31
CA VAL A 545 23.34 17.48 -3.03
C VAL A 545 23.86 18.83 -3.49
N LYS A 546 25.17 19.04 -3.36
CA LYS A 546 25.78 20.28 -3.84
C LYS A 546 25.99 20.24 -5.34
N THR A 547 25.77 21.37 -5.98
CA THR A 547 25.94 21.45 -7.44
C THR A 547 26.96 22.53 -7.77
N LYS A 548 27.41 22.53 -9.02
CA LYS A 548 28.42 23.46 -9.51
C LYS A 548 27.98 24.92 -9.32
N TYR A 549 26.73 25.20 -9.70
CA TYR A 549 26.11 26.54 -9.62
C TYR A 549 24.89 26.52 -8.72
N ASN A 550 24.40 27.71 -8.39
CA ASN A 550 23.27 27.87 -7.47
C ASN A 550 22.24 28.87 -7.96
N PHE A 551 21.23 28.37 -8.66
CA PHE A 551 20.21 29.23 -9.23
C PHE A 551 19.00 29.41 -8.30
N ASN A 552 18.52 30.65 -8.19
CA ASN A 552 17.22 31.00 -7.57
C ASN A 552 17.09 30.61 -6.08
N ASN A 553 18.23 30.53 -5.41
CA ASN A 553 18.47 29.71 -4.20
C ASN A 553 17.87 28.32 -4.32
N ARG A 554 17.36 27.86 -3.19
CA ARG A 554 16.46 26.70 -3.09
C ARG A 554 17.12 25.34 -2.72
N GLY A 555 18.17 25.05 -3.43
CA GLY A 555 19.06 23.90 -3.43
C GLY A 555 18.60 22.78 -4.35
N SER A 556 19.41 21.73 -4.42
CA SER A 556 19.13 20.57 -5.25
C SER A 556 19.11 19.30 -4.40
N LEU A 557 18.55 18.25 -5.00
CA LEU A 557 18.35 16.97 -4.33
C LEU A 557 18.79 15.87 -5.27
N THR A 558 19.09 14.71 -4.69
CA THR A 558 19.29 13.49 -5.48
C THR A 558 18.76 12.34 -4.62
N LEU A 559 18.98 11.13 -5.09
CA LEU A 559 18.46 9.96 -4.41
C LEU A 559 19.65 9.14 -3.89
N GLU A 560 19.48 8.59 -2.70
CA GLU A 560 20.50 7.72 -2.15
C GLU A 560 19.85 6.38 -1.86
N PRO A 561 20.38 5.30 -2.46
CA PRO A 561 19.75 4.02 -2.18
C PRO A 561 19.92 3.58 -0.72
N LEU A 562 18.82 3.14 -0.12
CA LEU A 562 18.89 2.46 1.17
C LEU A 562 19.03 0.96 0.96
N THR A 563 18.42 0.45 -0.12
CA THR A 563 18.57 -0.94 -0.50
C THR A 563 20.00 -1.18 -0.94
N LEU A 564 20.66 -2.16 -0.32
CA LEU A 564 22.05 -2.48 -0.64
C LEU A 564 22.21 -3.95 -0.98
N VAL A 565 21.78 -4.29 -2.18
CA VAL A 565 21.77 -5.69 -2.65
C VAL A 565 22.36 -5.71 -4.05
N PRO A 566 23.32 -6.60 -4.32
CA PRO A 566 23.92 -6.60 -5.67
C PRO A 566 22.93 -6.71 -6.81
N ILE A 567 23.31 -6.14 -7.94
CA ILE A 567 22.57 -6.26 -9.20
C ILE A 567 23.45 -7.12 -10.09
N GLN A 568 22.90 -8.23 -10.60
CA GLN A 568 23.70 -9.28 -11.18
C GLN A 568 24.31 -8.87 -12.54
N THR A 569 25.63 -8.89 -12.63
CA THR A 569 26.28 -8.32 -13.79
C THR A 569 26.14 -9.18 -15.07
N LYS A 570 25.95 -10.49 -14.91
CA LYS A 570 25.77 -11.34 -16.09
C LYS A 570 24.54 -10.95 -16.87
N MET A 571 23.61 -10.24 -16.23
CA MET A 571 22.37 -9.82 -16.90
C MET A 571 22.55 -8.54 -17.74
N ILE A 572 23.73 -7.93 -17.65
CA ILE A 572 23.96 -6.61 -18.26
C ILE A 572 24.80 -6.68 -19.52
N ASP A 573 24.37 -5.96 -20.56
CA ASP A 573 25.17 -5.75 -21.74
C ASP A 573 26.11 -4.60 -21.39
N VAL A 574 27.24 -4.95 -20.80
CA VAL A 574 28.15 -3.95 -20.22
C VAL A 574 28.66 -2.93 -21.26
N ASP A 575 28.94 -3.38 -22.48
CA ASP A 575 29.46 -2.46 -23.49
C ASP A 575 28.46 -1.38 -23.89
N SER A 576 27.19 -1.59 -23.56
CA SER A 576 26.18 -0.60 -23.85
C SER A 576 25.99 0.47 -22.76
N LEU A 577 26.60 0.28 -21.60
CA LEU A 577 26.50 1.28 -20.54
C LEU A 577 27.34 2.50 -20.84
N THR A 578 26.87 3.66 -20.41
CA THR A 578 27.69 4.85 -20.39
C THR A 578 28.71 4.75 -19.25
N ASP A 579 29.74 5.57 -19.32
CA ASP A 579 30.68 5.70 -18.20
C ASP A 579 29.97 6.04 -16.89
N LYS A 580 29.00 6.94 -16.96
CA LYS A 580 28.23 7.34 -15.78
C LYS A 580 27.53 6.13 -15.16
N GLU A 581 26.89 5.32 -16.01
CA GLU A 581 26.18 4.13 -15.52
C GLU A 581 27.14 3.08 -14.94
N CYS A 582 28.25 2.85 -15.65
N CYS A 582 28.26 2.83 -15.63
CA CYS A 582 29.27 1.92 -15.18
CA CYS A 582 29.29 1.90 -15.11
C CYS A 582 29.85 2.33 -13.83
C CYS A 582 29.78 2.35 -13.76
N ASP A 583 30.16 3.61 -13.68
CA ASP A 583 30.68 4.18 -12.44
C ASP A 583 29.65 4.08 -11.33
N TRP A 584 28.39 4.34 -11.67
CA TRP A 584 27.29 4.26 -10.71
C TRP A 584 27.21 2.84 -10.14
N LEU A 585 27.21 1.84 -11.02
CA LEU A 585 27.06 0.45 -10.56
C LEU A 585 28.28 0.01 -9.76
N ASN A 586 29.47 0.32 -10.24
CA ASN A 586 30.68 -0.07 -9.50
C ASN A 586 30.67 0.53 -8.08
N ASN A 587 30.35 1.81 -7.99
N ASN A 587 30.33 1.82 -7.96
CA ASN A 587 30.26 2.47 -6.71
CA ASN A 587 30.25 2.51 -6.66
C ASN A 587 29.19 1.86 -5.83
C ASN A 587 29.12 2.01 -5.77
N TYR A 588 27.99 1.68 -6.39
CA TYR A 588 26.88 1.07 -5.65
C TYR A 588 27.34 -0.27 -5.06
N HIS A 589 27.98 -1.08 -5.90
CA HIS A 589 28.47 -2.38 -5.45
C HIS A 589 29.52 -2.30 -4.36
N LEU A 590 30.42 -1.32 -4.43
CA LEU A 590 31.38 -1.18 -3.31
C LEU A 590 30.72 -0.69 -2.05
N THR A 591 29.67 0.12 -2.19
CA THR A 591 28.90 0.58 -1.01
C THR A 591 28.21 -0.62 -0.35
N CYS A 592 27.65 -1.52 -1.17
CA CYS A 592 27.05 -2.76 -0.66
C CYS A 592 28.12 -3.54 0.10
N ARG A 593 29.27 -3.67 -0.53
CA ARG A 593 30.37 -4.41 0.06
C ARG A 593 30.81 -3.81 1.39
N ASP A 594 30.96 -2.49 1.45
CA ASP A 594 31.34 -1.78 2.69
C ASP A 594 30.34 -2.00 3.82
N VAL A 595 29.10 -1.62 3.57
CA VAL A 595 28.10 -1.52 4.60
C VAL A 595 27.54 -2.91 4.97
N ILE A 596 27.11 -3.65 3.96
CA ILE A 596 26.60 -4.99 4.26
C ILE A 596 27.73 -5.94 4.63
N GLY A 597 28.90 -5.79 4.02
CA GLY A 597 30.03 -6.67 4.34
C GLY A 597 30.43 -6.52 5.79
N LYS A 598 30.46 -5.29 6.27
CA LYS A 598 30.78 -5.04 7.69
C LYS A 598 29.79 -5.77 8.58
N GLU A 599 28.50 -5.67 8.23
CA GLU A 599 27.44 -6.31 9.01
C GLU A 599 27.53 -7.82 8.96
N LEU A 600 27.75 -8.38 7.77
CA LEU A 600 27.93 -9.82 7.66
C LEU A 600 29.09 -10.31 8.53
N GLN A 601 30.20 -9.56 8.54
CA GLN A 601 31.36 -9.95 9.34
C GLN A 601 31.01 -9.89 10.83
N LYS A 602 30.27 -8.86 11.23
CA LYS A 602 29.85 -8.68 12.62
C LYS A 602 28.92 -9.81 13.06
N GLN A 603 28.07 -10.26 12.14
CA GLN A 603 27.12 -11.34 12.43
C GLN A 603 27.71 -12.73 12.22
N GLY A 604 28.99 -12.80 11.86
CA GLY A 604 29.70 -14.08 11.71
C GLY A 604 29.27 -14.89 10.50
N ARG A 605 28.74 -14.20 9.49
CA ARG A 605 28.17 -14.87 8.31
C ARG A 605 29.18 -14.96 7.16
N GLN A 606 30.17 -15.84 7.32
CA GLN A 606 31.29 -15.92 6.41
C GLN A 606 30.90 -16.29 4.98
N GLU A 607 30.06 -17.31 4.82
CA GLU A 607 29.69 -17.79 3.49
C GLU A 607 28.98 -16.70 2.69
N ALA A 608 28.05 -16.01 3.35
CA ALA A 608 27.28 -14.94 2.70
C ALA A 608 28.21 -13.77 2.36
N LEU A 609 29.20 -13.51 3.20
CA LEU A 609 30.17 -12.43 2.94
C LEU A 609 31.02 -12.74 1.69
N GLU A 610 31.44 -14.01 1.57
CA GLU A 610 32.18 -14.45 0.40
C GLU A 610 31.33 -14.26 -0.87
N TRP A 611 30.04 -14.57 -0.78
CA TRP A 611 29.13 -14.38 -1.91
C TRP A 611 29.05 -12.88 -2.25
N LEU A 612 28.87 -12.05 -1.24
CA LEU A 612 28.73 -10.60 -1.48
C LEU A 612 29.98 -10.03 -2.15
N ILE A 613 31.15 -10.45 -1.70
CA ILE A 613 32.38 -9.98 -2.32
C ILE A 613 32.46 -10.41 -3.79
N ARG A 614 32.10 -11.66 -4.10
CA ARG A 614 32.09 -12.11 -5.50
C ARG A 614 31.14 -11.29 -6.37
N GLU A 615 30.00 -10.92 -5.79
CA GLU A 615 28.94 -10.30 -6.54
C GLU A 615 29.06 -8.77 -6.58
N THR A 616 30.12 -8.22 -6.00
CA THR A 616 30.32 -6.78 -6.00
C THR A 616 31.61 -6.34 -6.71
N GLN A 617 32.19 -7.28 -7.47
CA GLN A 617 33.36 -6.99 -8.30
C GLN A 617 33.01 -5.96 -9.36
N PRO A 618 33.98 -5.15 -9.76
CA PRO A 618 33.74 -4.12 -10.78
C PRO A 618 33.41 -4.71 -12.13
N ILE A 619 32.66 -3.95 -12.91
CA ILE A 619 32.57 -4.16 -14.34
C ILE A 619 33.52 -3.17 -15.07
#